data_4OJA
#
_entry.id   4OJA
#
_cell.length_a   70.360
_cell.length_b   70.360
_cell.length_c   148.960
_cell.angle_alpha   90.000
_cell.angle_beta   90.000
_cell.angle_gamma   120.000
#
_symmetry.space_group_name_H-M   'P 64 2 2'
#
loop_
_entity.id
_entity.type
_entity.pdbx_description
1 polymer 'Superoxide dismutase [Cu-Zn]'
2 non-polymer 'COPPER (II) ION'
3 non-polymer 'ZINC ION'
4 non-polymer 'SULFATE ION'
5 water water
#
_entity_poly.entity_id   1
_entity_poly.type   'polypeptide(L)'
_entity_poly.pdbx_seq_one_letter_code
;MGSSHHHHHHSSGLVPRGSHMSAICVLEGIVKGTIKFEDIGDGKTHVSGKITGLQPPGKHGFHIHQFGDYSGGCMSTGPH
FNPFNKEHGGPEDENRHAGDLGNIVSDDYGNADVNIEDSQIPLDGPNSIIGRALVVHQNEDDLGLGGHKDSKTTGNAGAR
LSCGVIGLAA
;
_entity_poly.pdbx_strand_id   A
#
# COMPACT_ATOMS: atom_id res chain seq x y z
N SER A 22 -6.05 -6.63 -15.23
CA SER A 22 -5.28 -5.44 -14.88
C SER A 22 -6.08 -4.45 -14.05
N ALA A 23 -5.39 -3.75 -13.13
CA ALA A 23 -6.00 -2.72 -12.33
C ALA A 23 -5.02 -1.53 -12.23
N ILE A 24 -5.47 -0.38 -11.71
CA ILE A 24 -4.65 0.83 -11.74
C ILE A 24 -5.08 1.87 -10.71
N CYS A 25 -4.11 2.62 -10.18
CA CYS A 25 -4.36 3.59 -9.12
C CYS A 25 -3.76 4.96 -9.40
N VAL A 26 -4.60 5.97 -9.51
CA VAL A 26 -4.12 7.33 -9.63
C VAL A 26 -4.08 7.94 -8.27
N LEU A 27 -2.87 8.23 -7.81
CA LEU A 27 -2.65 8.82 -6.50
C LEU A 27 -3.18 10.25 -6.33
N GLU A 28 -3.95 10.46 -5.27
CA GLU A 28 -4.41 11.80 -4.93
C GLU A 28 -3.79 12.23 -3.61
N GLY A 29 -3.41 13.51 -3.54
CA GLY A 29 -2.78 14.04 -2.33
C GLY A 29 -1.46 14.71 -2.62
N ILE A 30 -0.59 14.70 -1.65
CA ILE A 30 0.70 15.34 -1.76
C ILE A 30 1.61 14.61 -2.75
N VAL A 31 1.69 13.29 -2.58
CA VAL A 31 2.55 12.45 -3.40
C VAL A 31 1.82 12.05 -4.67
N LYS A 32 2.47 12.20 -5.82
CA LYS A 32 1.83 11.97 -7.13
C LYS A 32 2.30 10.69 -7.81
N GLY A 33 1.41 10.02 -8.54
CA GLY A 33 1.85 8.90 -9.38
C GLY A 33 0.73 7.97 -9.75
N THR A 34 0.96 7.20 -10.81
CA THR A 34 0.03 6.21 -11.31
C THR A 34 0.63 4.86 -11.06
N ILE A 35 -0.07 4.02 -10.32
CA ILE A 35 0.45 2.72 -9.91
C ILE A 35 -0.35 1.69 -10.67
N LYS A 36 0.32 0.84 -11.43
CA LYS A 36 -0.38 -0.21 -12.19
C LYS A 36 -0.30 -1.50 -11.43
N PHE A 37 -1.31 -2.35 -11.65
CA PHE A 37 -1.38 -3.69 -11.04
C PHE A 37 -1.65 -4.70 -12.11
N GLU A 38 -0.78 -5.69 -12.24
CA GLU A 38 -0.94 -6.73 -13.25
C GLU A 38 -0.85 -8.15 -12.65
N ASP A 39 -1.82 -8.99 -12.98
CA ASP A 39 -1.80 -10.42 -12.65
C ASP A 39 -0.69 -11.12 -13.43
N ILE A 40 0.14 -11.89 -12.72
CA ILE A 40 1.49 -12.19 -13.22
C ILE A 40 2.00 -13.63 -13.52
N GLY A 41 1.43 -14.74 -13.03
CA GLY A 41 0.13 -14.88 -12.41
C GLY A 41 -0.39 -16.20 -12.98
N ASP A 42 -0.57 -17.28 -12.22
CA ASP A 42 -0.52 -17.34 -10.75
C ASP A 42 -1.82 -16.69 -10.19
N GLY A 43 -1.93 -16.31 -8.91
CA GLY A 43 -0.88 -16.29 -7.93
C GLY A 43 -0.52 -14.85 -7.59
N LYS A 44 0.47 -14.30 -8.28
CA LYS A 44 1.17 -13.11 -7.87
C LYS A 44 0.77 -11.90 -8.71
N THR A 45 0.79 -10.73 -8.12
CA THR A 45 0.57 -9.54 -8.90
C THR A 45 1.73 -8.55 -8.73
N HIS A 46 2.02 -7.87 -9.81
CA HIS A 46 3.16 -7.00 -9.90
C HIS A 46 2.66 -5.57 -9.87
N VAL A 47 3.24 -4.78 -9.00
CA VAL A 47 2.79 -3.42 -8.78
C VAL A 47 3.94 -2.49 -9.07
N SER A 48 3.68 -1.51 -9.94
CA SER A 48 4.75 -0.62 -10.38
C SER A 48 4.25 0.76 -10.75
N GLY A 49 5.20 1.70 -10.78
CA GLY A 49 4.96 3.05 -11.26
C GLY A 49 5.95 4.00 -10.67
N LYS A 50 6.00 5.20 -11.21
CA LYS A 50 6.91 6.24 -10.76
C LYS A 50 6.18 7.18 -9.82
N ILE A 51 6.74 7.42 -8.65
CA ILE A 51 6.16 8.32 -7.66
C ILE A 51 7.04 9.56 -7.44
N THR A 52 6.40 10.71 -7.31
CA THR A 52 7.16 11.93 -7.05
C THR A 52 6.53 12.69 -5.90
N GLY A 53 7.33 13.51 -5.24
CA GLY A 53 6.88 14.33 -4.12
C GLY A 53 6.97 13.64 -2.79
N LEU A 54 7.67 12.51 -2.76
CA LEU A 54 7.70 11.68 -1.55
C LEU A 54 8.87 12.06 -0.68
N GLN A 55 8.58 12.88 0.33
CA GLN A 55 9.53 13.41 1.28
C GLN A 55 9.17 12.93 2.66
N PRO A 56 10.18 12.80 3.52
CA PRO A 56 11.60 13.04 3.21
C PRO A 56 12.19 11.77 2.60
N PRO A 57 13.46 11.79 2.21
CA PRO A 57 14.01 10.63 1.50
C PRO A 57 14.15 9.47 2.44
N GLY A 58 14.07 8.24 1.94
CA GLY A 58 14.10 7.06 2.77
C GLY A 58 12.86 6.19 2.57
N LYS A 59 12.58 5.34 3.56
CA LYS A 59 11.55 4.34 3.44
C LYS A 59 10.17 4.87 3.86
N HIS A 60 9.15 4.57 3.08
CA HIS A 60 7.77 4.89 3.42
C HIS A 60 6.78 3.70 3.30
N GLY A 61 5.94 3.57 4.32
CA GLY A 61 4.99 2.50 4.37
C GLY A 61 4.07 2.63 3.20
N PHE A 62 3.60 1.47 2.72
CA PHE A 62 2.91 1.34 1.44
C PHE A 62 1.97 0.15 1.58
N HIS A 63 0.66 0.41 1.50
CA HIS A 63 -0.33 -0.56 2.00
C HIS A 63 -1.64 -0.47 1.22
N ILE A 64 -2.32 -1.60 1.08
CA ILE A 64 -3.65 -1.56 0.52
C ILE A 64 -4.56 -1.51 1.72
N HIS A 65 -5.49 -0.55 1.72
CA HIS A 65 -6.42 -0.40 2.82
C HIS A 65 -7.81 -0.86 2.42
N GLN A 66 -8.68 -0.94 3.40
CA GLN A 66 -9.91 -1.67 3.27
C GLN A 66 -10.88 -1.01 2.29
N PHE A 67 -11.12 0.29 2.44
CA PHE A 67 -12.14 0.94 1.60
C PHE A 67 -11.57 1.88 0.53
N GLY A 68 -12.17 1.87 -0.64
CA GLY A 68 -11.74 2.77 -1.68
C GLY A 68 -12.50 4.07 -1.56
N ASP A 69 -12.42 4.69 -0.39
CA ASP A 69 -13.16 5.90 -0.11
C ASP A 69 -12.24 6.96 0.44
N TYR A 70 -11.93 7.99 -0.34
CA TYR A 70 -11.20 9.13 0.21
C TYR A 70 -12.05 10.39 0.33
N SER A 71 -13.36 10.20 0.39
CA SER A 71 -14.28 11.32 0.47
C SER A 71 -13.96 12.18 1.66
N GLY A 72 -13.51 11.55 2.74
CA GLY A 72 -13.17 12.28 3.95
C GLY A 72 -11.66 12.44 4.13
N GLY A 73 -10.90 12.27 3.05
CA GLY A 73 -9.45 12.30 3.12
C GLY A 73 -8.97 10.87 3.20
N CYS A 74 -7.66 10.68 3.23
CA CYS A 74 -7.09 9.33 3.25
C CYS A 74 -7.55 8.55 4.49
N MET A 75 -7.98 9.28 5.52
CA MET A 75 -8.46 8.65 6.74
C MET A 75 -9.63 7.74 6.46
N SER A 76 -10.44 8.06 5.45
CA SER A 76 -11.68 7.28 5.18
C SER A 76 -11.44 5.94 4.50
N THR A 77 -10.21 5.66 4.08
CA THR A 77 -9.89 4.33 3.55
C THR A 77 -9.84 3.28 4.65
N GLY A 78 -9.91 3.69 5.92
CA GLY A 78 -9.96 2.74 7.02
C GLY A 78 -8.64 2.04 7.28
N PRO A 79 -8.68 0.87 7.94
CA PRO A 79 -7.50 0.09 8.37
C PRO A 79 -6.86 -0.69 7.23
N HIS A 80 -5.76 -1.39 7.47
CA HIS A 80 -5.15 -2.21 6.42
C HIS A 80 -6.09 -3.33 5.97
N PHE A 81 -6.05 -3.64 4.68
CA PHE A 81 -6.86 -4.70 4.11
C PHE A 81 -6.44 -6.00 4.77
N ASN A 82 -7.36 -6.66 5.48
CA ASN A 82 -6.95 -7.82 6.30
C ASN A 82 -7.90 -8.99 6.17
N PRO A 83 -8.02 -9.56 4.98
CA PRO A 83 -9.06 -10.58 4.80
C PRO A 83 -8.81 -11.87 5.62
N PHE A 84 -7.56 -12.20 5.87
CA PHE A 84 -7.23 -13.41 6.58
C PHE A 84 -6.97 -13.14 8.06
N ASN A 85 -7.42 -11.98 8.51
CA ASN A 85 -7.48 -11.73 9.92
C ASN A 85 -6.17 -12.02 10.70
N LYS A 86 -5.04 -11.46 10.25
CA LYS A 86 -3.75 -11.58 10.98
C LYS A 86 -3.37 -10.24 11.61
N GLU A 87 -2.19 -10.21 12.24
CA GLU A 87 -1.61 -8.97 12.75
C GLU A 87 -0.81 -8.25 11.66
N HIS A 88 -0.48 -6.97 11.88
CA HIS A 88 0.39 -6.25 10.96
C HIS A 88 1.74 -6.94 10.90
N GLY A 89 2.32 -7.08 9.72
CA GLY A 89 3.71 -7.52 9.59
C GLY A 89 4.34 -6.96 8.31
N GLY A 90 5.46 -7.56 7.89
CA GLY A 90 6.11 -7.25 6.62
C GLY A 90 5.68 -8.18 5.50
N PRO A 91 5.98 -7.81 4.24
CA PRO A 91 5.45 -8.62 3.11
C PRO A 91 5.95 -10.07 3.09
N GLU A 92 7.05 -10.34 3.76
CA GLU A 92 7.59 -11.69 3.75
C GLU A 92 7.17 -12.51 4.97
N ASP A 93 6.52 -11.90 5.96
CA ASP A 93 6.02 -12.65 7.11
C ASP A 93 4.77 -13.44 6.73
N GLU A 94 4.50 -14.53 7.45
CA GLU A 94 3.25 -15.23 7.24
C GLU A 94 2.19 -14.47 8.02
N ASN A 95 2.60 -13.92 9.17
CA ASN A 95 1.72 -13.14 10.04
C ASN A 95 1.73 -11.65 9.63
N ARG A 96 0.72 -11.31 8.85
CA ARG A 96 0.82 -10.19 7.94
C ARG A 96 -0.58 -9.90 7.42
N HIS A 97 -0.93 -8.62 7.26
CA HIS A 97 -2.15 -8.25 6.52
C HIS A 97 -1.93 -8.46 5.03
N ALA A 98 -2.96 -8.88 4.33
CA ALA A 98 -2.83 -9.03 2.90
C ALA A 98 -2.40 -7.68 2.28
N GLY A 99 -2.78 -6.57 2.91
CA GLY A 99 -2.51 -5.24 2.36
C GLY A 99 -1.10 -4.72 2.66
N ASP A 100 -0.30 -5.49 3.39
CA ASP A 100 1.05 -5.08 3.85
C ASP A 100 2.08 -5.27 2.75
N LEU A 101 2.33 -4.20 2.01
CA LEU A 101 3.28 -4.22 0.91
C LEU A 101 4.69 -3.77 1.33
N GLY A 102 4.87 -3.41 2.59
CA GLY A 102 6.20 -3.07 3.10
C GLY A 102 6.51 -1.60 2.93
N ASN A 103 7.74 -1.30 2.55
CA ASN A 103 8.16 0.09 2.32
C ASN A 103 8.63 0.29 0.89
N ILE A 104 8.42 1.50 0.37
CA ILE A 104 9.04 1.93 -0.89
C ILE A 104 10.06 2.98 -0.53
N VAL A 105 10.96 3.28 -1.46
CA VAL A 105 12.04 4.19 -1.14
C VAL A 105 12.11 5.40 -2.05
N SER A 106 12.18 6.58 -1.44
CA SER A 106 12.37 7.82 -2.20
C SER A 106 13.78 8.30 -2.04
N ASP A 107 14.32 8.82 -3.13
CA ASP A 107 15.65 9.44 -3.16
C ASP A 107 15.63 10.91 -2.70
N ASP A 108 16.77 11.59 -2.79
CA ASP A 108 16.91 12.90 -2.14
C ASP A 108 15.97 13.92 -2.76
N TYR A 109 15.48 13.63 -3.95
CA TYR A 109 14.63 14.55 -4.71
C TYR A 109 13.16 14.22 -4.59
N GLY A 110 12.84 13.18 -3.83
CA GLY A 110 11.47 12.82 -3.53
C GLY A 110 10.87 11.81 -4.51
N ASN A 111 11.73 11.25 -5.37
CA ASN A 111 11.28 10.36 -6.42
C ASN A 111 11.45 8.91 -5.99
N ALA A 112 10.49 8.05 -6.34
CA ALA A 112 10.57 6.67 -5.92
C ALA A 112 10.10 5.81 -7.05
N ASP A 113 10.65 4.60 -7.17
CA ASP A 113 10.14 3.69 -8.17
C ASP A 113 9.58 2.51 -7.44
N VAL A 114 8.37 2.16 -7.81
CA VAL A 114 7.68 1.07 -7.15
C VAL A 114 7.84 -0.17 -7.98
N ASN A 115 8.27 -1.23 -7.35
CA ASN A 115 8.39 -2.46 -8.06
C ASN A 115 8.37 -3.60 -7.05
N ILE A 116 7.17 -4.17 -6.91
CA ILE A 116 6.85 -5.11 -5.86
C ILE A 116 6.05 -6.28 -6.45
N GLU A 117 6.31 -7.48 -5.98
CA GLU A 117 5.54 -8.64 -6.37
C GLU A 117 4.99 -9.23 -5.10
N ASP A 118 3.74 -9.68 -5.16
CA ASP A 118 3.03 -10.16 -3.98
C ASP A 118 1.87 -11.09 -4.38
N SER A 119 1.45 -11.94 -3.46
CA SER A 119 0.51 -12.99 -3.80
C SER A 119 -0.72 -12.99 -2.92
N GLN A 120 -0.90 -11.91 -2.16
CA GLN A 120 -2.10 -11.70 -1.36
C GLN A 120 -2.91 -10.48 -1.86
N ILE A 121 -2.62 -10.02 -3.06
CA ILE A 121 -3.36 -8.92 -3.62
C ILE A 121 -3.85 -9.24 -5.01
N PRO A 122 -4.77 -10.20 -5.13
CA PRO A 122 -5.30 -10.61 -6.43
C PRO A 122 -6.31 -9.60 -6.99
N LEU A 123 -6.48 -9.62 -8.31
CA LEU A 123 -7.37 -8.71 -9.06
C LEU A 123 -8.79 -9.28 -9.29
N ASP A 124 -9.04 -10.50 -8.82
CA ASP A 124 -10.40 -11.02 -8.77
C ASP A 124 -10.54 -11.96 -7.56
N GLY A 125 -11.70 -12.59 -7.44
CA GLY A 125 -11.96 -13.52 -6.36
C GLY A 125 -12.57 -12.79 -5.20
N PRO A 126 -13.01 -13.52 -4.18
CA PRO A 126 -13.65 -12.98 -2.99
C PRO A 126 -12.73 -12.07 -2.20
N ASN A 127 -11.43 -12.22 -2.41
CA ASN A 127 -10.49 -11.40 -1.69
C ASN A 127 -9.72 -10.48 -2.62
N SER A 128 -10.41 -9.97 -3.63
CA SER A 128 -9.76 -9.12 -4.61
C SER A 128 -9.52 -7.74 -3.99
N ILE A 129 -8.61 -6.98 -4.58
CA ILE A 129 -8.35 -5.61 -4.08
C ILE A 129 -9.06 -4.49 -4.89
N ILE A 130 -9.76 -4.86 -5.96
CA ILE A 130 -10.48 -3.91 -6.79
C ILE A 130 -11.46 -3.13 -5.94
N GLY A 131 -11.46 -1.80 -6.08
CA GLY A 131 -12.37 -0.96 -5.33
C GLY A 131 -11.89 -0.67 -3.92
N ARG A 132 -10.76 -1.24 -3.52
CA ARG A 132 -10.11 -0.82 -2.28
C ARG A 132 -9.15 0.35 -2.57
N ALA A 133 -8.25 0.65 -1.65
CA ALA A 133 -7.37 1.82 -1.79
C ALA A 133 -5.91 1.51 -1.49
N LEU A 134 -5.06 2.16 -2.27
CA LEU A 134 -3.63 2.15 -2.03
C LEU A 134 -3.27 3.38 -1.21
N VAL A 135 -2.42 3.24 -0.19
CA VAL A 135 -2.07 4.39 0.63
C VAL A 135 -0.56 4.51 0.82
N VAL A 136 0.00 5.71 0.66
CA VAL A 136 1.42 5.86 1.00
C VAL A 136 1.60 6.85 2.14
N HIS A 137 2.60 6.52 2.97
CA HIS A 137 2.71 7.08 4.30
C HIS A 137 3.94 7.95 4.52
N GLN A 138 3.84 8.84 5.49
CA GLN A 138 4.97 9.65 5.83
C GLN A 138 6.16 8.86 6.42
N ASN A 139 5.91 7.91 7.31
CA ASN A 139 7.07 7.22 7.92
C ASN A 139 7.33 5.84 7.38
N GLU A 140 8.49 5.34 7.76
CA GLU A 140 8.85 3.94 7.62
C GLU A 140 7.84 3.06 8.35
N ASP A 141 7.47 1.95 7.71
CA ASP A 141 6.68 0.90 8.32
C ASP A 141 7.66 -0.03 9.03
N ASP A 142 7.51 -0.23 10.33
CA ASP A 142 8.51 -1.01 11.08
C ASP A 142 8.29 -2.52 10.93
N LEU A 143 7.32 -2.88 10.10
CA LEU A 143 7.04 -4.29 9.77
C LEU A 143 6.55 -5.10 10.98
N GLY A 144 6.03 -4.42 11.98
CA GLY A 144 5.50 -5.08 13.17
C GLY A 144 6.57 -5.41 14.20
N LEU A 145 7.74 -4.78 14.08
CA LEU A 145 8.88 -5.07 14.94
C LEU A 145 9.38 -3.86 15.71
N GLY A 146 8.61 -2.80 15.75
CA GLY A 146 9.10 -1.57 16.36
C GLY A 146 8.82 -1.54 17.85
N GLY A 147 8.07 -2.52 18.32
CA GLY A 147 7.59 -2.46 19.68
C GLY A 147 7.04 -1.08 19.99
N HIS A 148 6.12 -0.60 19.16
CA HIS A 148 5.34 0.58 19.51
C HIS A 148 3.90 0.15 19.76
N LYS A 149 3.18 0.93 20.55
CA LYS A 149 1.75 0.75 20.71
C LYS A 149 1.13 0.18 19.43
N ASP A 150 1.40 0.83 18.30
CA ASP A 150 0.62 0.59 17.09
C ASP A 150 1.40 -0.23 16.05
N SER A 151 2.49 -0.86 16.48
CA SER A 151 3.38 -1.58 15.60
C SER A 151 2.71 -2.73 14.93
N LYS A 152 1.77 -3.34 15.64
CA LYS A 152 1.21 -4.62 15.23
C LYS A 152 -0.11 -4.40 14.53
N THR A 153 -0.45 -3.12 14.34
CA THR A 153 -1.65 -2.77 13.58
C THR A 153 -1.32 -1.96 12.32
N THR A 154 -0.52 -0.90 12.44
CA THR A 154 -0.23 -0.04 11.30
C THR A 154 1.26 0.02 10.94
N GLY A 155 2.11 -0.62 11.73
CA GLY A 155 3.54 -0.58 11.50
C GLY A 155 4.16 0.74 11.92
N ASN A 156 3.39 1.53 12.65
CA ASN A 156 3.80 2.89 13.05
C ASN A 156 4.19 3.79 11.87
N ALA A 157 3.47 3.59 10.78
CA ALA A 157 3.79 4.23 9.51
C ALA A 157 3.42 5.71 9.46
N GLY A 158 2.56 6.14 10.37
CA GLY A 158 2.30 7.57 10.51
C GLY A 158 1.33 8.05 9.45
N ALA A 159 1.43 9.34 9.15
CA ALA A 159 0.48 10.04 8.30
C ALA A 159 0.30 9.48 6.89
N ARG A 160 -0.94 9.53 6.42
CA ARG A 160 -1.29 9.21 5.05
C ARG A 160 -1.09 10.44 4.11
N LEU A 161 -0.08 10.35 3.26
CA LEU A 161 0.32 11.43 2.39
C LEU A 161 -0.60 11.47 1.18
N SER A 162 -0.88 10.28 0.63
CA SER A 162 -1.73 10.16 -0.55
C SER A 162 -2.48 8.82 -0.55
N CYS A 163 -3.54 8.75 -1.34
CA CYS A 163 -4.29 7.54 -1.55
C CYS A 163 -4.88 7.59 -2.95
N GLY A 164 -5.21 6.42 -3.49
CA GLY A 164 -5.91 6.33 -4.77
C GLY A 164 -6.87 5.16 -4.70
N VAL A 165 -8.02 5.27 -5.34
CA VAL A 165 -8.87 4.08 -5.44
C VAL A 165 -8.34 3.13 -6.51
N ILE A 166 -8.39 1.84 -6.24
CA ILE A 166 -7.87 0.88 -7.18
C ILE A 166 -8.92 0.48 -8.21
N GLY A 167 -8.62 0.74 -9.46
CA GLY A 167 -9.65 0.64 -10.47
C GLY A 167 -9.37 -0.42 -11.50
N LEU A 168 -10.46 -0.93 -12.07
CA LEU A 168 -10.39 -1.84 -13.20
C LEU A 168 -9.79 -1.10 -14.38
N ALA A 169 -8.77 -1.69 -15.03
CA ALA A 169 -8.05 -1.09 -16.19
C ALA A 169 -7.99 -2.09 -17.37
N ALA A 170 -7.76 -1.58 -18.58
CA ALA A 170 -7.97 -2.39 -19.81
C ALA A 170 -7.21 -3.73 -19.83
#